data_5G15
#
_entry.id   5G15
#
_cell.length_a   75.339
_cell.length_b   91.361
_cell.length_c   143.715
_cell.angle_alpha   90.00
_cell.angle_beta   90.00
_cell.angle_gamma   90.00
#
_symmetry.space_group_name_H-M   'I 2 2 2'
#
loop_
_entity.id
_entity.type
_entity.pdbx_description
1 polymer 'AURORA A KINASE'
2 polymer 'MB1 MONOBODY'
3 non-polymer 'PHOSPHOMETHYLPHOSPHONIC ACID ADENYLATE ESTER'
4 non-polymer 'MAGNESIUM ION'
5 non-polymer 'SULFATE ION'
6 water water
#
loop_
_entity_poly.entity_id
_entity_poly.type
_entity_poly.pdbx_seq_one_letter_code
_entity_poly.pdbx_strand_id
1 'polypeptide(L)'
;ESKKRQWALEDFEIGRPLGKGKFGNVYLAREKQSKFILALKVLFKAQLEKAGVEHQLRREVEIQSHLRHPNILRLYGYFH
DATRVYLILEYAPLGTVYRELQKLSKFDEQRTATYITELANALSYCHSKRVIHRDIKPENLLLGSAGELKIADFGWSVHA
PSSRRTTLCGTLDYLPPEMIEGRMHDEKVDLWSLGVLCYEFLVGKPPFEANTYQETYKRISRVEFTFPDFVTEGARDLIS
RLLKHNPSQRPMLREVLEHPWITANSSKPSNCQNKESASKQS
;
A
2 'polypeptide(L)'
;GSVSSVPTKLEVVAATPTSLLISWDAQTYQMYDYVSYYRITYGETGGNSPVQEFTVPGYYSTATISGLKPGVDYTITVYA
EGYYSSYSPISINYRT
;
B
#
# COMPACT_ATOMS: atom_id res chain seq x y z
N ARG A 5 -15.14 -10.75 9.16
CA ARG A 5 -16.53 -10.54 9.67
C ARG A 5 -17.09 -9.12 9.46
N GLN A 6 -18.36 -8.96 9.86
CA GLN A 6 -19.01 -7.68 10.07
C GLN A 6 -18.46 -7.04 11.39
N TRP A 7 -18.63 -5.72 11.50
CA TRP A 7 -18.17 -4.96 12.64
C TRP A 7 -19.17 -3.84 12.78
N ALA A 8 -19.40 -3.39 14.03
CA ALA A 8 -20.14 -2.14 14.33
C ALA A 8 -19.60 -1.48 15.62
N LEU A 9 -19.97 -0.21 15.81
CA LEU A 9 -19.46 0.59 16.92
C LEU A 9 -19.69 -0.12 18.27
N GLU A 10 -20.79 -0.83 18.39
CA GLU A 10 -21.11 -1.66 19.60
C GLU A 10 -20.11 -2.76 19.93
N ASP A 11 -19.19 -3.11 19.05
CA ASP A 11 -18.25 -4.18 19.39
C ASP A 11 -16.99 -3.69 20.13
N PHE A 12 -16.90 -2.36 20.32
CA PHE A 12 -15.72 -1.74 20.94
C PHE A 12 -16.02 -0.84 22.12
N GLU A 13 -15.29 -1.08 23.21
CA GLU A 13 -15.11 -0.04 24.22
C GLU A 13 -14.16 0.97 23.67
N ILE A 14 -14.45 2.21 23.89
CA ILE A 14 -13.69 3.35 23.44
C ILE A 14 -13.06 4.06 24.62
N GLY A 15 -11.75 4.26 24.48
CA GLY A 15 -10.93 5.01 25.41
C GLY A 15 -10.58 6.41 24.94
N ARG A 16 -9.45 6.89 25.38
CA ARG A 16 -8.99 8.23 25.10
C ARG A 16 -8.58 8.42 23.65
N PRO A 17 -8.60 9.66 23.17
CA PRO A 17 -8.07 9.97 21.88
C PRO A 17 -6.56 9.87 21.84
N LEU A 18 -6.03 9.25 20.78
CA LEU A 18 -4.61 9.09 20.52
C LEU A 18 -4.05 10.15 19.58
N GLY A 19 -4.88 10.68 18.69
CA GLY A 19 -4.44 11.78 17.88
C GLY A 19 -5.52 12.42 17.07
N LYS A 20 -5.20 13.60 16.55
CA LYS A 20 -6.08 14.37 15.69
C LYS A 20 -5.63 14.11 14.23
N GLY A 21 -6.53 13.60 13.41
CA GLY A 21 -6.22 13.36 12.03
C GLY A 21 -6.77 14.49 11.21
N LYS A 22 -6.53 14.46 9.91
CA LYS A 22 -7.09 15.47 9.00
C LYS A 22 -8.59 15.46 8.90
N PHE A 23 -9.21 14.28 8.94
CA PHE A 23 -10.65 14.15 8.68
C PHE A 23 -11.40 13.55 9.83
N GLY A 24 -10.74 13.53 10.99
CA GLY A 24 -11.26 12.82 12.14
C GLY A 24 -10.27 12.73 13.27
N ASN A 25 -10.44 11.69 14.06
CA ASN A 25 -9.66 11.51 15.27
C ASN A 25 -9.43 10.03 15.42
N VAL A 26 -8.34 9.63 16.08
CA VAL A 26 -8.07 8.23 16.38
C VAL A 26 -8.22 7.99 17.86
N TYR A 27 -8.91 6.94 18.28
CA TYR A 27 -9.16 6.64 19.69
C TYR A 27 -8.52 5.31 20.07
N LEU A 28 -8.08 5.17 21.29
CA LEU A 28 -7.75 3.86 21.84
C LEU A 28 -9.06 3.17 22.04
N ALA A 29 -9.06 1.86 21.86
CA ALA A 29 -10.28 1.12 21.86
C ALA A 29 -10.00 -0.32 22.14
N ARG A 30 -11.02 -1.07 22.48
CA ARG A 30 -10.83 -2.47 22.94
C ARG A 30 -11.99 -3.29 22.43
N GLU A 31 -11.68 -4.42 21.84
CA GLU A 31 -12.64 -5.32 21.27
C GLU A 31 -13.23 -6.16 22.42
N LYS A 32 -14.54 -6.06 22.61
CA LYS A 32 -15.20 -6.59 23.86
C LYS A 32 -14.99 -8.07 24.07
N GLN A 33 -15.33 -8.85 23.04
CA GLN A 33 -15.10 -10.29 23.06
C GLN A 33 -13.73 -10.70 23.55
N SER A 34 -12.71 -10.33 22.79
CA SER A 34 -11.35 -10.72 23.05
C SER A 34 -10.71 -9.91 24.17
N LYS A 35 -11.16 -8.67 24.33
CA LYS A 35 -10.58 -7.66 25.25
C LYS A 35 -9.26 -7.12 24.75
N PHE A 36 -9.15 -7.11 23.44
CA PHE A 36 -7.87 -6.84 22.79
C PHE A 36 -7.77 -5.34 22.48
N ILE A 37 -6.70 -4.71 22.91
CA ILE A 37 -6.50 -3.28 22.68
C ILE A 37 -6.11 -3.04 21.23
N LEU A 38 -6.69 -2.00 20.67
CA LEU A 38 -6.37 -1.62 19.33
C LEU A 38 -6.72 -0.12 19.14
N ALA A 39 -6.62 0.42 17.95
CA ALA A 39 -6.95 1.83 17.73
C ALA A 39 -8.08 1.89 16.76
N LEU A 40 -8.95 2.86 16.90
CA LEU A 40 -10.06 2.98 16.03
C LEU A 40 -10.04 4.36 15.47
N LYS A 41 -9.78 4.43 14.17
CA LYS A 41 -9.64 5.66 13.49
C LYS A 41 -10.98 6.01 12.92
N VAL A 42 -11.40 7.24 13.18
CA VAL A 42 -12.72 7.69 12.81
C VAL A 42 -12.53 8.80 11.84
N LEU A 43 -13.25 8.67 10.73
CA LEU A 43 -13.23 9.65 9.65
C LEU A 43 -14.64 10.15 9.39
N PHE A 44 -14.78 11.47 9.25
CA PHE A 44 -16.09 12.07 8.95
C PHE A 44 -16.28 12.19 7.44
N LYS A 45 -17.32 11.50 6.96
CA LYS A 45 -17.70 11.50 5.53
C LYS A 45 -17.79 12.92 4.97
N ALA A 46 -18.38 13.82 5.76
CA ALA A 46 -18.52 15.21 5.35
C ALA A 46 -17.14 15.79 5.02
N GLN A 47 -16.14 15.48 5.84
CA GLN A 47 -14.81 16.06 5.63
C GLN A 47 -14.02 15.34 4.52
N LEU A 48 -14.25 14.04 4.39
CA LEU A 48 -13.69 13.25 3.31
C LEU A 48 -14.18 13.78 1.99
N GLU A 49 -15.50 13.99 1.91
CA GLU A 49 -16.11 14.33 0.64
C GLU A 49 -15.67 15.71 0.25
N LYS A 50 -15.58 16.59 1.23
CA LYS A 50 -15.08 17.95 1.01
C LYS A 50 -13.67 17.93 0.42
N ALA A 51 -12.78 17.14 1.00
CA ALA A 51 -11.39 17.08 0.53
C ALA A 51 -11.14 16.26 -0.78
N GLY A 52 -12.12 15.47 -1.20
CA GLY A 52 -12.05 14.70 -2.44
C GLY A 52 -11.35 13.36 -2.36
N VAL A 53 -11.17 12.80 -1.17
CA VAL A 53 -10.22 11.71 -0.99
C VAL A 53 -10.80 10.32 -0.78
N GLU A 54 -12.09 10.11 -1.06
CA GLU A 54 -12.71 8.80 -0.79
C GLU A 54 -12.08 7.65 -1.58
N HIS A 55 -11.61 7.94 -2.80
CA HIS A 55 -10.98 6.90 -3.63
C HIS A 55 -9.74 6.35 -2.96
N GLN A 56 -8.97 7.22 -2.28
CA GLN A 56 -7.76 6.85 -1.50
CA GLN A 56 -7.78 6.78 -1.56
C GLN A 56 -8.15 5.94 -0.32
N LEU A 57 -9.28 6.24 0.31
CA LEU A 57 -9.77 5.41 1.40
C LEU A 57 -10.15 4.00 0.93
N ARG A 58 -10.90 3.90 -0.19
CA ARG A 58 -11.21 2.61 -0.83
C ARG A 58 -9.95 1.79 -1.03
N ARG A 59 -8.97 2.47 -1.61
CA ARG A 59 -7.71 1.84 -1.94
C ARG A 59 -7.03 1.32 -0.67
N GLU A 60 -6.95 2.20 0.33
CA GLU A 60 -6.36 1.82 1.62
C GLU A 60 -7.03 0.56 2.18
N VAL A 61 -8.37 0.54 2.22
CA VAL A 61 -9.07 -0.61 2.85
C VAL A 61 -8.86 -1.90 2.05
N GLU A 62 -9.04 -1.77 0.74
CA GLU A 62 -9.08 -2.97 -0.14
C GLU A 62 -7.71 -3.68 -0.20
N ILE A 63 -6.64 -2.90 -0.19
CA ILE A 63 -5.28 -3.42 -0.17
C ILE A 63 -4.87 -3.80 1.23
N GLN A 64 -4.96 -2.85 2.16
CA GLN A 64 -4.29 -3.02 3.47
C GLN A 64 -4.92 -4.10 4.28
N SER A 65 -6.22 -4.36 4.11
CA SER A 65 -6.89 -5.52 4.79
C SER A 65 -6.27 -6.84 4.55
N HIS A 66 -5.60 -6.96 3.41
CA HIS A 66 -4.98 -8.21 3.02
C HIS A 66 -3.54 -8.37 3.49
N LEU A 67 -2.97 -7.34 4.10
CA LEU A 67 -1.55 -7.39 4.44
C LEU A 67 -1.17 -7.75 5.90
N ARG A 68 -0.53 -8.91 6.07
CA ARG A 68 -0.24 -9.46 7.36
C ARG A 68 1.22 -9.68 7.45
N HIS A 69 1.91 -8.74 8.09
CA HIS A 69 3.35 -8.84 8.27
C HIS A 69 3.77 -8.12 9.56
N PRO A 70 4.77 -8.61 10.30
CA PRO A 70 5.16 -7.89 11.57
C PRO A 70 5.45 -6.39 11.46
N ASN A 71 5.94 -5.96 10.30
CA ASN A 71 6.28 -4.55 10.03
C ASN A 71 5.30 -3.78 9.16
N ILE A 72 4.08 -4.27 9.05
CA ILE A 72 3.02 -3.53 8.37
C ILE A 72 1.93 -3.37 9.39
N LEU A 73 1.42 -2.16 9.54
CA LEU A 73 0.31 -1.93 10.45
C LEU A 73 -0.93 -2.69 10.00
N ARG A 74 -1.45 -3.57 10.86
CA ARG A 74 -2.67 -4.34 10.55
C ARG A 74 -3.81 -3.40 10.37
N LEU A 75 -4.58 -3.59 9.31
CA LEU A 75 -5.94 -3.04 9.22
C LEU A 75 -6.82 -4.30 9.36
N TYR A 76 -7.35 -4.50 10.56
CA TYR A 76 -8.25 -5.61 10.88
C TYR A 76 -9.58 -5.54 10.12
N GLY A 77 -10.07 -4.39 9.74
CA GLY A 77 -11.42 -4.33 9.16
C GLY A 77 -11.87 -2.89 9.22
N TYR A 78 -13.05 -2.60 8.66
CA TYR A 78 -13.67 -1.29 8.77
C TYR A 78 -15.19 -1.45 8.92
N PHE A 79 -15.89 -0.33 9.11
CA PHE A 79 -17.35 -0.31 8.97
C PHE A 79 -17.69 1.13 8.83
N HIS A 80 -18.96 1.46 8.66
CA HIS A 80 -19.37 2.87 8.56
C HIS A 80 -20.81 3.10 8.95
N ASP A 81 -21.15 4.37 9.13
CA ASP A 81 -22.50 4.72 9.50
C ASP A 81 -22.86 6.00 8.79
N ALA A 82 -23.99 6.59 9.15
CA ALA A 82 -24.49 7.71 8.36
C ALA A 82 -23.49 8.85 8.26
N THR A 83 -22.61 8.99 9.25
CA THR A 83 -21.74 10.15 9.26
C THR A 83 -20.25 9.83 9.21
N ARG A 84 -19.91 8.59 9.58
CA ARG A 84 -18.53 8.26 9.86
C ARG A 84 -18.11 6.99 9.17
N VAL A 85 -16.82 6.94 8.83
CA VAL A 85 -16.13 5.68 8.54
C VAL A 85 -15.16 5.38 9.68
N TYR A 86 -15.05 4.09 10.00
CA TYR A 86 -14.22 3.61 11.08
C TYR A 86 -13.22 2.63 10.51
N LEU A 87 -11.93 2.79 10.83
CA LEU A 87 -10.93 1.77 10.52
C LEU A 87 -10.42 1.18 11.77
N ILE A 88 -10.45 -0.13 11.81
CA ILE A 88 -9.97 -0.87 12.95
C ILE A 88 -8.50 -1.23 12.74
N LEU A 89 -7.61 -0.57 13.45
CA LEU A 89 -6.16 -0.68 13.28
C LEU A 89 -5.44 -1.24 14.47
N GLU A 90 -4.31 -1.90 14.22
CA GLU A 90 -3.34 -2.21 15.25
C GLU A 90 -2.89 -0.93 15.96
N TYR A 91 -2.78 -1.00 17.29
CA TYR A 91 -2.29 0.08 18.13
C TYR A 91 -0.76 0.09 18.17
N ALA A 92 -0.20 1.24 17.84
CA ALA A 92 1.19 1.42 17.89
C ALA A 92 1.47 2.33 19.08
N PRO A 93 1.84 1.74 20.21
CA PRO A 93 2.02 2.54 21.43
C PRO A 93 3.14 3.53 21.41
N LEU A 94 4.20 3.32 20.62
CA LEU A 94 5.33 4.27 20.58
C LEU A 94 5.21 5.36 19.55
N GLY A 95 4.06 5.50 18.93
CA GLY A 95 3.80 6.62 18.02
C GLY A 95 4.54 6.56 16.67
N THR A 96 4.60 7.71 16.00
CA THR A 96 5.20 7.88 14.68
C THR A 96 6.69 8.09 14.68
N VAL A 97 7.35 7.63 13.63
CA VAL A 97 8.77 7.83 13.47
C VAL A 97 9.01 9.32 13.22
N TYR A 98 8.08 9.96 12.54
CA TYR A 98 8.12 11.38 12.38
C TYR A 98 8.34 12.11 13.73
N ARG A 99 7.56 11.79 14.76
CA ARG A 99 7.72 12.44 16.07
C ARG A 99 9.07 12.05 16.70
N GLU A 100 9.47 10.78 16.60
CA GLU A 100 10.80 10.40 17.08
C GLU A 100 11.93 11.19 16.42
N LEU A 101 11.82 11.49 15.12
CA LEU A 101 12.85 12.23 14.41
C LEU A 101 12.86 13.70 14.77
N GLN A 102 11.69 14.33 14.89
CA GLN A 102 11.54 15.64 15.50
C GLN A 102 12.24 15.71 16.86
N LYS A 103 12.10 14.70 17.72
CA LYS A 103 12.70 14.78 19.05
C LYS A 103 14.18 14.64 18.99
N LEU A 104 14.66 13.60 18.32
CA LEU A 104 16.08 13.30 18.30
C LEU A 104 16.87 14.15 17.28
N SER A 105 16.16 14.84 16.40
CA SER A 105 16.67 15.50 15.17
C SER A 105 17.36 14.64 14.09
N LYS A 106 18.20 13.69 14.46
CA LYS A 106 18.79 12.70 13.52
C LYS A 106 18.82 11.36 14.22
N PHE A 107 18.86 10.25 13.51
CA PHE A 107 19.04 8.95 14.14
C PHE A 107 20.46 8.48 13.92
N ASP A 108 21.00 7.73 14.86
CA ASP A 108 22.27 7.10 14.65
C ASP A 108 22.22 5.95 13.66
N GLU A 109 23.37 5.45 13.32
CA GLU A 109 23.43 4.41 12.28
C GLU A 109 22.71 3.11 12.63
N GLN A 110 22.64 2.78 13.91
CA GLN A 110 22.08 1.49 14.33
C GLN A 110 20.58 1.53 14.22
N ARG A 111 20.02 2.61 14.73
CA ARG A 111 18.63 2.80 14.66
C ARG A 111 18.19 2.87 13.19
N THR A 112 18.91 3.66 12.39
CA THR A 112 18.61 3.81 10.99
C THR A 112 18.63 2.49 10.22
N ALA A 113 19.72 1.75 10.36
CA ALA A 113 19.89 0.46 9.70
C ALA A 113 18.84 -0.59 10.08
N THR A 114 18.51 -0.60 11.37
CA THR A 114 17.51 -1.49 11.86
C THR A 114 16.17 -1.14 11.28
N TYR A 115 15.82 0.13 11.25
CA TYR A 115 14.54 0.51 10.61
C TYR A 115 14.52 0.22 9.09
N ILE A 116 15.64 0.49 8.38
CA ILE A 116 15.67 0.20 6.95
C ILE A 116 15.47 -1.32 6.72
N THR A 117 16.09 -2.18 7.55
CA THR A 117 15.83 -3.61 7.49
C THR A 117 14.36 -3.98 7.68
N GLU A 118 13.70 -3.38 8.64
CA GLU A 118 12.29 -3.66 8.88
C GLU A 118 11.43 -3.21 7.72
N LEU A 119 11.73 -2.03 7.22
CA LEU A 119 10.95 -1.49 6.14
C LEU A 119 11.16 -2.33 4.88
N ALA A 120 12.39 -2.77 4.67
CA ALA A 120 12.66 -3.63 3.50
C ALA A 120 11.97 -4.94 3.59
N ASN A 121 11.82 -5.49 4.76
CA ASN A 121 11.08 -6.75 4.84
C ASN A 121 9.62 -6.60 4.49
N ALA A 122 9.03 -5.57 5.04
CA ALA A 122 7.68 -5.23 4.75
C ALA A 122 7.38 -4.94 3.25
N LEU A 123 8.26 -4.19 2.60
CA LEU A 123 8.13 -3.89 1.20
C LEU A 123 8.42 -5.15 0.41
N SER A 124 9.25 -6.06 0.88
CA SER A 124 9.46 -7.33 0.16
CA SER A 124 9.46 -7.31 0.14
C SER A 124 8.14 -8.06 0.10
N TYR A 125 7.47 -8.12 1.26
CA TYR A 125 6.18 -8.74 1.39
C TYR A 125 5.18 -8.00 0.48
N CYS A 126 5.11 -6.67 0.52
CA CYS A 126 4.24 -5.99 -0.47
C CYS A 126 4.51 -6.36 -1.94
N HIS A 127 5.76 -6.30 -2.35
CA HIS A 127 6.13 -6.44 -3.76
C HIS A 127 5.86 -7.88 -4.24
N SER A 128 6.00 -8.87 -3.40
CA SER A 128 5.58 -10.23 -3.81
C SER A 128 4.11 -10.35 -4.10
N LYS A 129 3.25 -9.57 -3.45
CA LYS A 129 1.84 -9.51 -3.85
C LYS A 129 1.61 -8.49 -4.95
N ARG A 130 2.72 -7.96 -5.46
CA ARG A 130 2.71 -6.98 -6.52
C ARG A 130 1.98 -5.74 -6.11
N VAL A 131 2.13 -5.41 -4.83
CA VAL A 131 1.61 -4.16 -4.24
C VAL A 131 2.76 -3.23 -4.01
N ILE A 132 2.56 -1.98 -4.39
CA ILE A 132 3.56 -0.88 -4.23
C ILE A 132 3.00 0.19 -3.33
N HIS A 133 3.76 0.66 -2.32
CA HIS A 133 3.20 1.62 -1.34
C HIS A 133 3.02 3.02 -1.87
N ARG A 134 4.09 3.53 -2.45
CA ARG A 134 4.19 4.79 -3.17
C ARG A 134 4.08 6.05 -2.30
N ASP A 135 4.20 5.89 -1.01
CA ASP A 135 4.18 7.05 -0.16
C ASP A 135 4.98 6.85 1.09
N ILE A 136 6.14 6.23 0.96
CA ILE A 136 7.05 5.99 2.06
C ILE A 136 7.56 7.35 2.54
N LYS A 137 7.39 7.59 3.82
CA LYS A 137 7.88 8.82 4.48
C LYS A 137 7.73 8.68 5.99
N PRO A 138 8.36 9.58 6.78
CA PRO A 138 8.38 9.32 8.23
C PRO A 138 7.00 9.36 8.89
N GLU A 139 6.07 10.14 8.35
CA GLU A 139 4.71 10.23 8.92
C GLU A 139 3.88 8.99 8.79
N ASN A 140 4.23 8.13 7.82
CA ASN A 140 3.53 6.89 7.57
C ASN A 140 4.20 5.68 8.22
N LEU A 141 5.07 5.94 9.19
CA LEU A 141 5.70 4.86 9.91
C LEU A 141 5.35 5.02 11.37
N LEU A 142 4.93 3.92 11.99
CA LEU A 142 4.58 3.89 13.39
C LEU A 142 5.43 2.84 14.10
N LEU A 143 5.34 2.82 15.42
CA LEU A 143 6.26 2.04 16.23
C LEU A 143 5.51 1.18 17.25
N GLY A 144 5.80 -0.10 17.21
CA GLY A 144 5.25 -1.04 18.16
C GLY A 144 5.85 -0.90 19.53
N SER A 145 5.45 -1.80 20.42
CA SER A 145 5.82 -1.68 21.84
C SER A 145 7.29 -2.00 22.07
N ALA A 146 7.85 -2.88 21.28
CA ALA A 146 9.29 -3.10 21.28
C ALA A 146 10.03 -2.11 20.36
N GLY A 147 9.43 -1.02 19.91
CA GLY A 147 10.10 -0.03 19.04
C GLY A 147 10.34 -0.44 17.58
N GLU A 148 9.55 -1.37 17.10
CA GLU A 148 9.74 -1.97 15.81
C GLU A 148 8.89 -1.23 14.78
N LEU A 149 9.41 -1.02 13.57
CA LEU A 149 8.74 -0.15 12.63
C LEU A 149 7.48 -0.78 12.05
N LYS A 150 6.47 0.04 11.73
CA LYS A 150 5.23 -0.48 11.14
C LYS A 150 4.83 0.46 10.01
N ILE A 151 4.81 0.04 8.75
CA ILE A 151 4.40 0.99 7.72
C ILE A 151 2.91 1.01 7.64
N ALA A 152 2.33 2.17 7.44
CA ALA A 152 0.87 2.32 7.35
C ALA A 152 0.48 3.28 6.24
N ASP A 153 -0.77 3.68 6.19
CA ASP A 153 -1.21 4.65 5.22
C ASP A 153 -1.01 4.20 3.80
N PHE A 154 -1.75 3.19 3.42
CA PHE A 154 -1.79 2.65 2.07
C PHE A 154 -2.79 3.37 1.11
N GLY A 155 -3.20 4.58 1.45
CA GLY A 155 -4.01 5.43 0.58
C GLY A 155 -3.51 5.56 -0.85
N TRP A 156 -2.21 5.64 -1.06
CA TRP A 156 -1.69 5.88 -2.39
C TRP A 156 -1.09 4.64 -2.96
N SER A 157 -1.26 3.49 -2.30
CA SER A 157 -0.70 2.26 -2.82
C SER A 157 -1.50 1.76 -4.05
N VAL A 158 -0.94 0.77 -4.72
CA VAL A 158 -1.50 0.30 -5.99
C VAL A 158 -1.11 -1.15 -6.15
N HIS A 159 -2.01 -1.94 -6.72
CA HIS A 159 -1.66 -3.31 -7.19
C HIS A 159 -1.20 -3.17 -8.63
N ALA A 160 0.05 -3.56 -8.91
CA ALA A 160 0.67 -3.24 -10.24
C ALA A 160 -0.07 -3.80 -11.49
N PRO A 161 -0.48 -5.08 -11.48
CA PRO A 161 -1.29 -5.66 -12.59
C PRO A 161 -2.60 -4.97 -12.82
N SER A 162 -3.12 -4.24 -11.82
CA SER A 162 -4.42 -3.65 -11.95
C SER A 162 -4.31 -2.18 -12.25
N SER A 163 -3.14 -1.69 -12.62
CA SER A 163 -3.05 -0.25 -12.89
C SER A 163 -2.01 0.05 -13.95
N ARG A 164 -2.21 1.17 -14.64
CA ARG A 164 -1.34 1.61 -15.74
C ARG A 164 -0.05 2.30 -15.26
N ARG A 165 -0.16 2.92 -14.08
CA ARG A 165 0.96 3.52 -13.33
C ARG A 165 1.71 4.60 -14.10
N THR A 166 0.92 5.58 -14.51
CA THR A 166 1.40 6.73 -15.22
C THR A 166 1.07 8.04 -14.53
N THR A 167 0.33 8.01 -13.45
CA THR A 167 0.02 9.21 -12.69
C THR A 167 0.97 9.34 -11.50
N LEU A 168 1.32 10.57 -11.20
CA LEU A 168 2.18 10.92 -10.12
C LEU A 168 1.35 10.95 -8.86
N CYS A 169 1.87 10.29 -7.83
CA CYS A 169 1.39 10.43 -6.47
C CYS A 169 2.50 10.20 -5.41
N GLY A 170 2.19 10.61 -4.19
CA GLY A 170 3.14 10.52 -3.08
C GLY A 170 3.29 11.87 -2.46
N THR A 171 4.47 12.14 -1.94
CA THR A 171 4.70 13.32 -1.14
C THR A 171 5.98 13.96 -1.64
N LEU A 172 5.94 15.28 -1.81
CA LEU A 172 6.95 16.06 -2.53
C LEU A 172 8.43 15.62 -2.43
N ASP A 173 8.96 15.60 -1.21
CA ASP A 173 10.37 15.34 -1.01
C ASP A 173 10.77 13.93 -1.26
N TYR A 174 9.78 13.06 -1.36
CA TYR A 174 9.96 11.62 -1.54
C TYR A 174 9.68 11.05 -2.96
N LEU A 175 9.14 11.89 -3.83
CA LEU A 175 8.77 11.50 -5.19
C LEU A 175 9.98 11.08 -6.00
N PRO A 176 9.90 9.92 -6.70
CA PRO A 176 10.98 9.50 -7.59
C PRO A 176 11.00 10.27 -8.92
N PRO A 177 12.15 10.21 -9.62
CA PRO A 177 12.28 11.02 -10.83
C PRO A 177 11.33 10.54 -11.91
N GLU A 178 11.22 9.23 -12.03
CA GLU A 178 10.32 8.67 -13.04
C GLU A 178 8.93 9.26 -13.06
N MET A 179 8.39 9.58 -11.89
CA MET A 179 7.01 10.07 -11.82
C MET A 179 6.98 11.48 -12.23
N ILE A 180 8.06 12.19 -11.90
CA ILE A 180 8.18 13.62 -12.25
C ILE A 180 8.32 13.75 -13.78
N GLU A 181 9.06 12.84 -14.37
CA GLU A 181 9.36 12.84 -15.76
C GLU A 181 8.26 12.19 -16.55
N GLY A 182 7.18 11.75 -15.88
CA GLY A 182 5.95 11.37 -16.57
C GLY A 182 5.89 9.93 -17.04
N ARG A 183 6.93 9.13 -16.79
CA ARG A 183 6.99 7.72 -17.20
C ARG A 183 6.24 6.70 -16.35
N MET A 184 6.02 5.55 -16.96
CA MET A 184 5.40 4.46 -16.31
C MET A 184 6.35 3.95 -15.22
N HIS A 185 5.77 3.80 -14.03
CA HIS A 185 6.55 3.32 -12.84
C HIS A 185 6.22 1.93 -12.35
N ASP A 186 7.10 1.42 -11.48
CA ASP A 186 6.89 0.13 -10.91
C ASP A 186 7.39 0.06 -9.45
N GLU A 187 7.57 -1.16 -8.92
CA GLU A 187 7.96 -1.33 -7.55
C GLU A 187 9.25 -0.57 -7.14
N LYS A 188 10.05 -0.16 -8.12
CA LYS A 188 11.32 0.55 -7.85
C LYS A 188 11.10 1.95 -7.29
N VAL A 189 9.89 2.48 -7.36
CA VAL A 189 9.67 3.81 -6.80
C VAL A 189 9.78 3.71 -5.27
N ASP A 190 9.35 2.57 -4.71
CA ASP A 190 9.55 2.33 -3.28
C ASP A 190 11.03 2.31 -2.93
N LEU A 191 11.84 1.75 -3.82
CA LEU A 191 13.29 1.68 -3.60
C LEU A 191 13.94 3.11 -3.55
N TRP A 192 13.58 3.95 -4.49
CA TRP A 192 13.98 5.34 -4.42
C TRP A 192 13.58 5.94 -3.09
N SER A 193 12.31 5.82 -2.73
CA SER A 193 11.82 6.51 -1.51
C SER A 193 12.46 6.00 -0.24
N LEU A 194 12.81 4.71 -0.23
CA LEU A 194 13.61 4.15 0.84
C LEU A 194 14.93 4.87 1.03
N GLY A 195 15.54 5.29 -0.08
CA GLY A 195 16.86 5.90 0.00
C GLY A 195 16.78 7.32 0.54
N VAL A 196 15.71 8.01 0.16
CA VAL A 196 15.43 9.35 0.64
C VAL A 196 15.23 9.30 2.15
N LEU A 197 14.52 8.25 2.55
CA LEU A 197 14.21 8.03 3.95
C LEU A 197 15.46 7.78 4.74
N CYS A 198 16.34 6.95 4.22
CA CYS A 198 17.58 6.60 4.90
C CYS A 198 18.38 7.85 5.06
N TYR A 199 18.36 8.72 4.06
CA TYR A 199 19.11 9.94 4.13
C TYR A 199 18.53 10.84 5.20
N GLU A 200 17.22 11.01 5.16
CA GLU A 200 16.56 11.87 6.13
C GLU A 200 16.73 11.41 7.56
N PHE A 201 16.69 10.10 7.77
CA PHE A 201 17.01 9.54 9.07
C PHE A 201 18.41 9.96 9.56
N LEU A 202 19.40 9.84 8.69
CA LEU A 202 20.78 10.08 9.05
C LEU A 202 21.13 11.54 9.21
N VAL A 203 20.48 12.39 8.41
CA VAL A 203 20.86 13.78 8.31
C VAL A 203 19.80 14.67 8.94
N GLY A 204 18.56 14.22 9.02
CA GLY A 204 17.56 15.01 9.66
C GLY A 204 16.79 15.91 8.75
N LYS A 205 17.05 15.87 7.44
CA LYS A 205 16.21 16.53 6.46
C LYS A 205 16.37 15.78 5.14
N PRO A 206 15.37 15.88 4.25
CA PRO A 206 15.49 15.08 3.03
C PRO A 206 16.47 15.73 2.04
N PRO A 207 17.09 14.91 1.17
CA PRO A 207 18.15 15.40 0.28
C PRO A 207 17.78 16.48 -0.76
N PHE A 208 16.54 16.51 -1.24
CA PHE A 208 16.15 17.42 -2.36
C PHE A 208 15.33 18.61 -1.89
N GLU A 209 15.37 18.87 -0.59
CA GLU A 209 14.63 19.93 0.03
C GLU A 209 14.88 21.30 -0.62
N ALA A 210 13.84 22.08 -0.87
CA ALA A 210 13.97 23.39 -1.48
C ALA A 210 12.75 24.28 -1.19
N ASN A 211 12.83 25.56 -1.50
CA ASN A 211 11.76 26.49 -1.06
C ASN A 211 10.50 26.40 -1.89
N THR A 212 10.55 25.75 -3.05
CA THR A 212 9.33 25.51 -3.86
C THR A 212 9.32 24.14 -4.48
N TYR A 213 8.13 23.68 -4.81
CA TYR A 213 8.03 22.36 -5.37
C TYR A 213 8.69 22.26 -6.75
N GLN A 214 8.74 23.39 -7.46
CA GLN A 214 9.42 23.45 -8.76
C GLN A 214 10.87 23.12 -8.63
N GLU A 215 11.58 23.78 -7.72
CA GLU A 215 13.04 23.54 -7.59
C GLU A 215 13.31 22.07 -7.17
N THR A 216 12.50 21.61 -6.22
CA THR A 216 12.53 20.27 -5.70
C THR A 216 12.35 19.24 -6.83
N TYR A 217 11.38 19.49 -7.71
CA TYR A 217 11.20 18.61 -8.89
C TYR A 217 12.44 18.56 -9.76
N LYS A 218 12.93 19.74 -10.11
CA LYS A 218 14.17 19.81 -10.93
C LYS A 218 15.31 19.03 -10.27
N ARG A 219 15.49 19.26 -8.98
CA ARG A 219 16.58 18.63 -8.26
C ARG A 219 16.46 17.09 -8.17
N ILE A 220 15.24 16.60 -8.05
CA ILE A 220 14.97 15.16 -8.06
C ILE A 220 15.27 14.61 -9.46
N SER A 221 14.66 15.24 -10.44
CA SER A 221 14.84 14.88 -11.88
C SER A 221 16.29 14.78 -12.26
N ARG A 222 17.10 15.72 -11.77
CA ARG A 222 18.54 15.68 -11.99
C ARG A 222 19.36 14.98 -10.90
N VAL A 223 18.70 14.39 -9.87
CA VAL A 223 19.41 13.77 -8.78
C VAL A 223 20.53 14.73 -8.32
N GLU A 224 20.13 15.96 -7.99
CA GLU A 224 21.03 16.96 -7.46
C GLU A 224 20.95 17.01 -5.94
N PHE A 225 21.91 16.33 -5.29
CA PHE A 225 22.00 16.35 -3.83
C PHE A 225 23.44 15.95 -3.40
N THR A 226 23.79 16.38 -2.20
CA THR A 226 25.08 16.14 -1.59
C THR A 226 24.86 15.62 -0.12
N PHE A 227 25.86 14.92 0.38
CA PHE A 227 25.84 14.44 1.72
C PHE A 227 26.72 15.30 2.59
N PRO A 228 26.34 15.47 3.89
CA PRO A 228 27.30 16.05 4.82
C PRO A 228 28.48 15.11 5.01
N ASP A 229 29.59 15.63 5.55
CA ASP A 229 30.81 14.81 5.76
C ASP A 229 30.60 13.75 6.85
N PHE A 230 29.72 14.01 7.83
CA PHE A 230 29.49 12.98 8.87
C PHE A 230 28.93 11.63 8.32
N VAL A 231 28.20 11.64 7.21
CA VAL A 231 27.57 10.41 6.68
C VAL A 231 28.66 9.44 6.28
N THR A 232 28.65 8.24 6.83
CA THR A 232 29.80 7.37 6.57
C THR A 232 29.82 6.84 5.12
N GLU A 233 30.94 6.27 4.78
CA GLU A 233 31.14 5.64 3.52
C GLU A 233 30.06 4.63 3.14
N GLY A 234 29.80 3.71 4.04
CA GLY A 234 28.82 2.69 3.80
C GLY A 234 27.40 3.16 3.60
N ALA A 235 27.00 4.19 4.35
CA ALA A 235 25.64 4.81 4.22
C ALA A 235 25.49 5.54 2.91
N ARG A 236 26.56 6.25 2.60
CA ARG A 236 26.67 6.94 1.33
C ARG A 236 26.49 5.96 0.16
N ASP A 237 27.18 4.80 0.20
CA ASP A 237 27.07 3.80 -0.86
C ASP A 237 25.64 3.32 -0.95
N LEU A 238 25.05 2.91 0.19
CA LEU A 238 23.69 2.42 0.15
C LEU A 238 22.73 3.42 -0.42
N ILE A 239 22.78 4.63 0.07
CA ILE A 239 21.85 5.67 -0.41
C ILE A 239 22.05 5.94 -1.89
N SER A 240 23.32 5.99 -2.32
CA SER A 240 23.65 6.33 -3.72
C SER A 240 23.12 5.22 -4.62
N ARG A 241 23.24 3.96 -4.20
CA ARG A 241 22.60 2.88 -4.95
C ARG A 241 21.04 2.98 -5.05
N LEU A 242 20.38 3.38 -3.95
CA LEU A 242 18.93 3.59 -3.97
C LEU A 242 18.52 4.81 -4.82
N LEU A 243 19.30 5.90 -4.76
CA LEU A 243 18.94 7.15 -5.45
C LEU A 243 19.58 7.30 -6.85
N LYS A 244 19.41 6.29 -7.67
CA LYS A 244 19.76 6.31 -9.08
C LYS A 244 18.59 6.75 -9.89
N HIS A 245 18.90 7.63 -10.82
CA HIS A 245 17.89 8.14 -11.76
C HIS A 245 17.19 7.00 -12.47
N ASN A 246 17.96 5.99 -12.86
CA ASN A 246 17.43 4.88 -13.62
C ASN A 246 16.89 3.81 -12.69
N PRO A 247 15.58 3.65 -12.66
CA PRO A 247 14.95 2.71 -11.73
C PRO A 247 15.54 1.30 -11.80
N SER A 248 15.82 0.83 -13.02
CA SER A 248 16.34 -0.50 -13.21
C SER A 248 17.68 -0.67 -12.58
N GLN A 249 18.42 0.40 -12.35
CA GLN A 249 19.74 0.27 -11.66
C GLN A 249 19.69 0.15 -10.13
N ARG A 250 18.56 0.55 -9.52
CA ARG A 250 18.33 0.40 -8.07
C ARG A 250 18.33 -1.06 -7.68
N PRO A 251 18.81 -1.37 -6.47
CA PRO A 251 18.88 -2.76 -6.07
C PRO A 251 17.53 -3.33 -5.77
N MET A 252 17.50 -4.65 -5.72
CA MET A 252 16.39 -5.34 -5.12
C MET A 252 16.47 -5.20 -3.61
N LEU A 253 15.34 -5.38 -2.97
CA LEU A 253 15.26 -5.30 -1.54
C LEU A 253 16.17 -6.34 -0.89
N ARG A 254 16.31 -7.50 -1.52
CA ARG A 254 17.23 -8.54 -1.08
C ARG A 254 18.65 -8.01 -0.92
N GLU A 255 19.05 -7.19 -1.90
CA GLU A 255 20.39 -6.67 -1.92
C GLU A 255 20.55 -5.56 -0.92
N VAL A 256 19.47 -4.82 -0.69
CA VAL A 256 19.46 -3.85 0.40
C VAL A 256 19.66 -4.54 1.74
N LEU A 257 18.91 -5.62 1.98
CA LEU A 257 19.04 -6.41 3.21
C LEU A 257 20.42 -7.01 3.39
N GLU A 258 21.10 -7.30 2.30
CA GLU A 258 22.45 -7.87 2.36
C GLU A 258 23.56 -6.82 2.25
N HIS A 259 23.23 -5.57 2.07
CA HIS A 259 24.28 -4.55 1.94
C HIS A 259 25.23 -4.55 3.19
N PRO A 260 26.54 -4.32 2.98
CA PRO A 260 27.41 -4.51 4.13
C PRO A 260 27.21 -3.48 5.25
N TRP A 261 26.82 -2.26 4.92
CA TRP A 261 26.49 -1.27 5.94
C TRP A 261 25.32 -1.66 6.80
N ILE A 262 24.29 -2.23 6.15
CA ILE A 262 23.10 -2.76 6.82
C ILE A 262 23.47 -3.92 7.74
N THR A 263 24.17 -4.91 7.21
CA THR A 263 24.73 -5.99 8.00
C THR A 263 25.52 -5.55 9.26
N ALA A 264 26.28 -4.49 9.12
CA ALA A 264 27.18 -4.08 10.16
C ALA A 264 26.50 -3.30 11.26
N ASN A 265 25.29 -2.81 11.00
CA ASN A 265 24.65 -1.84 11.90
C ASN A 265 23.25 -2.20 12.40
N SER A 266 22.58 -3.13 11.73
CA SER A 266 21.28 -3.59 12.13
C SER A 266 21.31 -4.44 13.38
N SER A 267 20.34 -4.18 14.28
CA SER A 267 20.17 -4.96 15.53
C SER A 267 19.70 -6.36 15.25
N LYS A 268 20.05 -7.27 16.13
CA LYS A 268 19.85 -8.70 15.97
C LYS A 268 18.43 -8.99 16.55
N PRO A 269 17.60 -9.78 15.84
CA PRO A 269 16.11 -9.81 15.90
C PRO A 269 15.41 -9.05 17.05
N LYS B 9 -19.30 -3.08 -16.48
CA LYS B 9 -19.17 -4.17 -17.52
C LYS B 9 -17.88 -5.05 -17.43
N LEU B 10 -18.00 -6.29 -17.93
CA LEU B 10 -16.91 -7.28 -17.92
C LEU B 10 -16.40 -7.35 -19.32
N GLU B 11 -15.08 -7.44 -19.47
CA GLU B 11 -14.46 -7.51 -20.79
C GLU B 11 -13.30 -8.50 -20.86
N VAL B 12 -13.16 -9.18 -22.00
CA VAL B 12 -12.02 -10.08 -22.27
C VAL B 12 -10.92 -9.31 -23.03
N VAL B 13 -9.77 -9.17 -22.41
CA VAL B 13 -8.72 -8.26 -22.85
C VAL B 13 -7.87 -8.96 -23.89
N ALA B 14 -7.76 -10.26 -23.75
CA ALA B 14 -6.77 -11.03 -24.47
C ALA B 14 -7.14 -12.43 -24.24
N ALA B 15 -6.89 -13.26 -25.24
CA ALA B 15 -7.30 -14.66 -25.20
C ALA B 15 -6.20 -15.45 -25.85
N THR B 16 -6.01 -16.69 -25.40
CA THR B 16 -5.21 -17.68 -26.13
C THR B 16 -6.18 -18.88 -26.36
N PRO B 17 -5.68 -19.98 -26.94
CA PRO B 17 -6.58 -21.14 -27.05
C PRO B 17 -7.01 -21.75 -25.70
N THR B 18 -6.11 -21.71 -24.72
CA THR B 18 -6.35 -22.24 -23.36
C THR B 18 -6.63 -21.19 -22.25
N SER B 19 -6.47 -19.90 -22.50
CA SER B 19 -6.55 -18.86 -21.44
C SER B 19 -7.23 -17.53 -21.84
N LEU B 20 -7.94 -16.90 -20.89
CA LEU B 20 -8.49 -15.54 -21.07
C LEU B 20 -8.00 -14.59 -19.99
N LEU B 21 -7.63 -13.38 -20.40
CA LEU B 21 -7.36 -12.31 -19.49
C LEU B 21 -8.63 -11.49 -19.47
N ILE B 22 -9.28 -11.41 -18.30
CA ILE B 22 -10.51 -10.62 -18.13
C ILE B 22 -10.30 -9.39 -17.21
N SER B 23 -11.23 -8.46 -17.27
CA SER B 23 -11.06 -7.16 -16.64
C SER B 23 -12.43 -6.61 -16.32
N TRP B 24 -12.54 -6.11 -15.08
CA TRP B 24 -13.77 -5.54 -14.58
C TRP B 24 -13.60 -4.12 -14.06
N ASP B 25 -12.55 -3.45 -14.53
CA ASP B 25 -12.29 -2.01 -14.29
CA ASP B 25 -12.28 -2.01 -14.27
C ASP B 25 -13.53 -1.15 -14.45
N ALA B 26 -14.37 -1.51 -15.43
CA ALA B 26 -15.64 -0.78 -15.72
C ALA B 26 -16.67 -0.81 -14.59
N GLN B 27 -16.73 -1.92 -13.83
CA GLN B 27 -17.67 -2.10 -12.73
C GLN B 27 -17.39 -1.07 -11.64
N THR B 28 -18.46 -0.46 -11.16
CA THR B 28 -18.41 0.61 -10.15
C THR B 28 -19.12 0.14 -8.88
N TYR B 29 -18.80 0.73 -7.74
CA TYR B 29 -19.33 0.23 -6.46
C TYR B 29 -20.00 1.36 -5.77
N GLN B 30 -20.75 1.06 -4.73
CA GLN B 30 -21.36 2.11 -3.96
C GLN B 30 -20.32 2.73 -3.04
N MET B 31 -20.31 4.07 -3.02
CA MET B 31 -19.57 4.90 -2.08
C MET B 31 -19.47 4.29 -0.65
N TYR B 32 -18.25 4.20 -0.10
CA TYR B 32 -17.99 3.57 1.22
C TYR B 32 -18.22 2.07 1.30
N ASP B 33 -18.54 1.43 0.17
CA ASP B 33 -18.80 -0.04 0.19
C ASP B 33 -17.64 -0.74 -0.55
N TYR B 34 -16.81 -1.43 0.22
CA TYR B 34 -15.51 -1.86 -0.24
C TYR B 34 -15.49 -3.36 -0.40
N VAL B 35 -14.70 -3.82 -1.36
CA VAL B 35 -14.76 -5.15 -1.87
C VAL B 35 -13.69 -5.92 -1.18
N SER B 36 -14.10 -7.03 -0.62
CA SER B 36 -13.19 -7.95 0.03
C SER B 36 -12.48 -8.84 -0.96
N TYR B 37 -13.23 -9.38 -1.92
CA TYR B 37 -12.72 -10.33 -2.92
C TYR B 37 -13.72 -10.51 -4.05
N TYR B 38 -13.29 -11.20 -5.11
CA TYR B 38 -14.12 -11.50 -6.28
C TYR B 38 -14.19 -13.00 -6.36
N ARG B 39 -15.42 -13.49 -6.61
CA ARG B 39 -15.62 -14.89 -7.02
C ARG B 39 -15.73 -14.95 -8.54
N ILE B 40 -14.80 -15.73 -9.11
CA ILE B 40 -14.74 -15.79 -10.57
C ILE B 40 -15.13 -17.18 -11.03
N THR B 41 -16.16 -17.13 -11.86
CA THR B 41 -16.69 -18.35 -12.42
C THR B 41 -16.83 -18.49 -13.97
N TYR B 42 -16.63 -19.72 -14.41
CA TYR B 42 -16.48 -20.04 -15.83
C TYR B 42 -16.75 -21.50 -16.15
N GLY B 43 -17.51 -21.70 -17.22
CA GLY B 43 -17.84 -23.02 -17.77
C GLY B 43 -18.49 -22.91 -19.14
N GLU B 44 -18.69 -24.07 -19.76
CA GLU B 44 -19.12 -24.20 -21.15
C GLU B 44 -20.57 -23.84 -21.33
N THR B 45 -20.85 -22.65 -21.87
CA THR B 45 -22.25 -22.16 -22.09
C THR B 45 -23.26 -23.32 -22.40
N GLY B 46 -24.29 -23.50 -21.57
CA GLY B 46 -25.28 -24.58 -21.77
C GLY B 46 -24.83 -26.00 -21.45
N GLY B 47 -23.94 -26.60 -22.26
CA GLY B 47 -23.57 -28.05 -22.20
C GLY B 47 -22.52 -28.49 -21.17
N ASN B 48 -22.88 -29.46 -20.33
CA ASN B 48 -22.44 -29.53 -18.90
C ASN B 48 -21.24 -30.37 -18.41
N SER B 49 -20.33 -29.67 -17.72
CA SER B 49 -19.50 -30.19 -16.60
C SER B 49 -19.79 -29.22 -15.42
N PRO B 50 -19.07 -29.35 -14.28
CA PRO B 50 -19.39 -28.33 -13.25
C PRO B 50 -18.71 -27.00 -13.63
N VAL B 51 -19.46 -25.88 -13.61
CA VAL B 51 -18.83 -24.55 -13.79
C VAL B 51 -17.76 -24.42 -12.73
N GLN B 52 -16.55 -24.07 -13.13
CA GLN B 52 -15.44 -23.91 -12.19
C GLN B 52 -15.31 -22.50 -11.63
N GLU B 53 -14.63 -22.39 -10.49
CA GLU B 53 -14.49 -21.11 -9.78
C GLU B 53 -13.22 -20.94 -9.00
N PHE B 54 -12.88 -19.68 -8.77
CA PHE B 54 -11.80 -19.30 -7.86
C PHE B 54 -12.09 -17.84 -7.41
N THR B 55 -11.27 -17.34 -6.49
CA THR B 55 -11.43 -15.99 -5.92
C THR B 55 -10.14 -15.26 -5.98
N VAL B 56 -10.23 -13.96 -6.12
CA VAL B 56 -9.06 -13.08 -6.04
C VAL B 56 -9.37 -11.97 -5.05
N PRO B 57 -8.32 -11.34 -4.50
CA PRO B 57 -8.59 -10.24 -3.58
C PRO B 57 -9.25 -9.07 -4.23
N GLY B 58 -10.00 -8.33 -3.41
CA GLY B 58 -10.82 -7.21 -3.87
C GLY B 58 -10.06 -6.10 -4.55
N TYR B 59 -8.76 -6.00 -4.27
CA TYR B 59 -7.95 -4.97 -4.93
C TYR B 59 -7.51 -5.33 -6.41
N TYR B 60 -7.76 -6.56 -6.85
CA TYR B 60 -7.58 -6.92 -8.26
C TYR B 60 -8.63 -6.19 -9.13
N SER B 61 -8.23 -5.76 -10.31
CA SER B 61 -9.18 -5.31 -11.31
C SER B 61 -9.18 -6.20 -12.59
N THR B 62 -8.27 -7.17 -12.67
CA THR B 62 -8.21 -8.14 -13.76
C THR B 62 -7.70 -9.45 -13.21
N ALA B 63 -7.87 -10.50 -14.01
CA ALA B 63 -7.39 -11.83 -13.69
C ALA B 63 -7.31 -12.66 -14.96
N THR B 64 -6.44 -13.67 -14.91
CA THR B 64 -6.30 -14.66 -15.95
C THR B 64 -7.01 -15.95 -15.62
N ILE B 65 -7.78 -16.50 -16.54
CA ILE B 65 -8.31 -17.88 -16.42
C ILE B 65 -7.49 -18.70 -17.41
N SER B 66 -6.91 -19.78 -16.92
CA SER B 66 -6.06 -20.63 -17.75
C SER B 66 -6.57 -22.07 -17.79
N GLY B 67 -6.01 -22.89 -18.70
CA GLY B 67 -6.43 -24.29 -18.91
C GLY B 67 -7.85 -24.51 -19.39
N LEU B 68 -8.27 -23.68 -20.33
CA LEU B 68 -9.57 -23.83 -21.00
C LEU B 68 -9.38 -24.69 -22.26
N LYS B 69 -10.46 -25.31 -22.71
CA LYS B 69 -10.38 -26.12 -23.95
C LYS B 69 -10.67 -25.20 -25.14
N PRO B 70 -9.84 -25.29 -26.21
CA PRO B 70 -10.04 -24.45 -27.43
C PRO B 70 -11.41 -24.66 -28.13
N GLY B 71 -11.82 -23.69 -28.95
CA GLY B 71 -13.04 -23.79 -29.74
C GLY B 71 -14.29 -24.06 -28.93
N VAL B 72 -14.34 -23.53 -27.70
CA VAL B 72 -15.47 -23.72 -26.79
C VAL B 72 -16.11 -22.40 -26.42
N ASP B 73 -17.43 -22.39 -26.43
CA ASP B 73 -18.18 -21.29 -25.84
C ASP B 73 -18.05 -21.31 -24.29
N TYR B 74 -17.46 -20.26 -23.73
CA TYR B 74 -17.52 -20.06 -22.27
C TYR B 74 -18.51 -18.95 -21.88
N THR B 75 -19.08 -19.11 -20.69
CA THR B 75 -19.70 -18.02 -19.96
C THR B 75 -18.83 -17.76 -18.70
N ILE B 76 -18.42 -16.49 -18.57
CA ILE B 76 -17.54 -15.99 -17.48
C ILE B 76 -18.41 -15.05 -16.69
N THR B 77 -18.49 -15.34 -15.38
CA THR B 77 -19.21 -14.51 -14.45
C THR B 77 -18.33 -14.12 -13.25
N VAL B 78 -18.48 -12.85 -12.88
CA VAL B 78 -17.74 -12.27 -11.73
C VAL B 78 -18.69 -11.70 -10.65
N TYR B 79 -18.53 -12.17 -9.40
CA TYR B 79 -19.30 -11.67 -8.27
C TYR B 79 -18.36 -10.89 -7.36
N ALA B 80 -18.59 -9.57 -7.33
CA ALA B 80 -17.94 -8.66 -6.39
C ALA B 80 -18.57 -8.85 -5.00
N GLU B 81 -17.76 -9.42 -4.08
CA GLU B 81 -18.10 -9.61 -2.66
C GLU B 81 -17.55 -8.48 -1.77
N GLY B 82 -18.41 -7.50 -1.50
CA GLY B 82 -18.16 -6.46 -0.49
C GLY B 82 -17.98 -7.04 0.90
N TYR B 83 -17.32 -6.30 1.77
CA TYR B 83 -17.25 -6.63 3.18
C TYR B 83 -18.68 -6.67 3.77
N TYR B 84 -19.56 -5.77 3.28
CA TYR B 84 -20.92 -5.60 3.77
C TYR B 84 -22.00 -5.87 2.71
N SER B 85 -21.62 -6.48 1.57
CA SER B 85 -22.51 -6.55 0.43
CA SER B 85 -22.51 -6.55 0.43
C SER B 85 -22.11 -7.65 -0.55
N SER B 86 -23.07 -7.99 -1.43
CA SER B 86 -22.86 -8.85 -2.61
C SER B 86 -23.44 -8.07 -3.76
N TYR B 87 -22.61 -7.77 -4.76
CA TYR B 87 -23.06 -7.09 -5.97
C TYR B 87 -23.57 -8.18 -6.91
N SER B 88 -24.56 -7.81 -7.71
CA SER B 88 -25.15 -8.79 -8.59
C SER B 88 -24.16 -9.03 -9.76
N PRO B 89 -23.97 -10.31 -10.15
CA PRO B 89 -22.97 -10.71 -11.14
C PRO B 89 -22.95 -9.86 -12.40
N ILE B 90 -21.74 -9.68 -12.95
CA ILE B 90 -21.57 -9.29 -14.31
C ILE B 90 -20.94 -10.51 -15.01
N SER B 91 -21.30 -10.69 -16.29
CA SER B 91 -20.88 -11.86 -17.04
C SER B 91 -20.70 -11.55 -18.53
N ILE B 92 -20.07 -12.51 -19.19
CA ILE B 92 -19.74 -12.36 -20.58
C ILE B 92 -19.50 -13.76 -21.15
N ASN B 93 -19.87 -13.92 -22.41
CA ASN B 93 -19.60 -15.14 -23.18
C ASN B 93 -18.49 -14.92 -24.17
N TYR B 94 -17.61 -15.90 -24.29
CA TYR B 94 -16.49 -15.80 -25.18
C TYR B 94 -16.16 -17.17 -25.68
N ARG B 95 -15.68 -17.23 -26.92
CA ARG B 95 -15.33 -18.49 -27.57
C ARG B 95 -13.83 -18.54 -27.79
N THR B 96 -13.21 -19.50 -27.10
CA THR B 96 -11.79 -19.78 -27.35
C THR B 96 -11.64 -20.31 -28.78
#